data_3S6C
#
_entry.id   3S6C
#
_cell.length_a   206.289
_cell.length_b   45.930
_cell.length_c   65.628
_cell.angle_alpha   90.00
_cell.angle_beta   91.48
_cell.angle_gamma   90.00
#
_symmetry.space_group_name_H-M   'C 1 2 1'
#
loop_
_entity.id
_entity.type
_entity.pdbx_description
1 polymer 'Beta-2-microglobulin, T-cell surface glycoprotein CD1e, membrane-associated'
2 branched alpha-L-fucopyranose-(1-6)-2-acetamido-2-deoxy-beta-D-glucopyranose
3 non-polymer GLYCEROL
#
_entity_poly.entity_id   1
_entity_poly.type   'polypeptide(L)'
_entity_poly.pdbx_seq_one_letter_code
;IQRTPKIQVYSRHPAENGKSNFLNCYVSGFHPSDIEVDLLKNGERIEKVEHSDLSFSKDWSFYLLYYTEFTPTEKDEYAC
RVNHVTLSQPKIVKWDRDMDDDDKGSSSSDDDDKEEQLSFRMLQTSSFANHSWAHSEGSGWLGDLQTHGWDTVLGTIRFL
KPWSHGNFSKQELKNLQSLFQLYFHSFIRIVQASAGQFQLEYPFEIQILAGCRMNAPQIFLNMAYQGSDFLSFQGISWEP
SPGAGIRAQNICKVLNRYLDIKEILQSLLGHTCPRFLAGLMEAGESELKRKVKPEAWLSCGPSPGPGRLQLVCHVSGFYP
KPVWVMWMRGEQEQRGTQRGDVLPNADETWYLRATLDVAAGEAAGLSCRVKHSSLGGHDLIIHWGGENLYFQ
;
_entity_poly.pdbx_strand_id   A
#
loop_
_chem_comp.id
_chem_comp.type
_chem_comp.name
_chem_comp.formula
FUC L-saccharide, alpha linking alpha-L-fucopyranose 'C6 H12 O5'
GOL non-polymer GLYCEROL 'C3 H8 O3'
NAG D-saccharide, beta linking 2-acetamido-2-deoxy-beta-D-glucopyranose 'C8 H15 N O6'
#
# COMPACT_ATOMS: atom_id res chain seq x y z
N ILE A 1 -2.77 13.13 14.43
CA ILE A 1 -1.31 13.21 14.28
C ILE A 1 -1.07 13.36 12.81
N GLN A 2 -0.02 14.09 12.47
CA GLN A 2 0.29 14.30 11.07
C GLN A 2 1.65 13.73 10.78
N ARG A 3 1.82 13.16 9.59
CA ARG A 3 3.02 12.37 9.31
C ARG A 3 3.54 12.65 7.93
N THR A 4 4.71 13.27 7.86
CA THR A 4 5.34 13.71 6.62
C THR A 4 5.62 12.46 5.78
N PRO A 5 5.31 12.50 4.48
CA PRO A 5 5.29 11.35 3.59
C PRO A 5 6.67 10.81 3.21
N LYS A 6 6.75 9.58 2.72
CA LYS A 6 8.05 9.00 2.44
C LYS A 6 8.22 8.66 0.96
N ILE A 7 8.76 9.57 0.18
CA ILE A 7 8.82 9.38 -1.25
C ILE A 7 9.89 8.34 -1.50
N GLN A 8 9.56 7.30 -2.27
CA GLN A 8 10.55 6.29 -2.72
C GLN A 8 10.51 6.08 -4.23
N VAL A 9 11.65 6.30 -4.89
CA VAL A 9 11.72 6.26 -6.35
C VAL A 9 12.60 5.14 -6.88
N TYR A 10 12.09 4.50 -7.92
CA TYR A 10 12.71 3.30 -8.44
C TYR A 10 12.04 2.95 -9.75
N SER A 11 12.77 2.34 -10.65
CA SER A 11 12.19 1.88 -11.91
C SER A 11 11.59 0.49 -11.73
N ARG A 12 10.94 -0.01 -12.77
CA ARG A 12 10.47 -1.37 -12.72
C ARG A 12 11.46 -2.32 -13.25
N HIS A 13 12.27 -1.91 -14.24
CA HIS A 13 13.36 -2.78 -14.80
C HIS A 13 14.75 -2.06 -14.78
N PRO A 14 15.79 -2.69 -15.25
CA PRO A 14 16.86 -1.71 -15.34
C PRO A 14 16.92 -0.90 -16.70
N ALA A 15 17.44 0.31 -16.62
CA ALA A 15 17.82 1.01 -17.83
C ALA A 15 19.02 0.32 -18.54
N GLU A 16 18.88 -0.04 -19.80
CA GLU A 16 20.08 -0.22 -20.63
C GLU A 16 20.42 1.15 -21.21
N ASN A 17 19.70 2.19 -20.74
CA ASN A 17 19.86 3.57 -21.20
C ASN A 17 19.48 3.66 -22.68
N GLY A 18 18.21 3.36 -22.96
CA GLY A 18 17.79 3.17 -24.33
C GLY A 18 16.43 2.51 -24.53
N LYS A 19 15.99 1.70 -23.57
CA LYS A 19 14.79 0.89 -23.80
C LYS A 19 13.63 1.16 -22.81
N SER A 20 12.45 1.40 -23.42
CA SER A 20 11.23 1.77 -22.70
C SER A 20 10.98 0.99 -21.38
N ASN A 21 10.42 1.70 -20.40
CA ASN A 21 10.29 1.23 -19.04
C ASN A 21 9.24 2.01 -18.26
N PHE A 22 9.00 1.55 -17.02
CA PHE A 22 8.14 2.28 -16.06
C PHE A 22 9.02 2.94 -15.01
N LEU A 23 8.51 4.02 -14.41
CA LEU A 23 9.15 4.66 -13.26
C LEU A 23 8.15 4.55 -12.18
N ASN A 24 8.65 4.42 -10.95
CA ASN A 24 7.80 4.37 -9.79
C ASN A 24 8.25 5.36 -8.78
N CYS A 25 7.27 6.13 -8.35
CA CYS A 25 7.34 6.92 -7.16
C CYS A 25 6.31 6.26 -6.28
N TYR A 26 6.69 6.02 -5.03
CA TYR A 26 5.79 5.36 -4.13
C TYR A 26 5.86 6.11 -2.88
N VAL A 27 4.70 6.62 -2.49
CA VAL A 27 4.53 7.55 -1.38
C VAL A 27 3.71 6.88 -0.30
N SER A 28 4.16 7.05 0.94
CA SER A 28 3.63 6.27 2.05
C SER A 28 3.89 7.00 3.35
N GLY A 29 3.18 6.59 4.38
CA GLY A 29 3.49 6.96 5.76
C GLY A 29 3.06 8.37 6.03
N PHE A 30 1.90 8.72 5.48
CA PHE A 30 1.50 10.09 5.50
C PHE A 30 0.06 10.25 5.79
N HIS A 31 -0.18 11.34 6.48
CA HIS A 31 -1.50 11.68 6.97
C HIS A 31 -1.41 13.19 7.02
N PRO A 32 -2.50 13.90 6.70
CA PRO A 32 -3.72 13.50 6.00
C PRO A 32 -3.52 13.18 4.50
N SER A 33 -4.50 12.53 3.90
CA SER A 33 -4.38 12.08 2.53
C SER A 33 -4.42 13.19 1.47
N ASP A 34 -4.82 14.40 1.87
CA ASP A 34 -4.78 15.50 0.93
C ASP A 34 -3.31 15.66 0.62
N ILE A 35 -2.93 15.04 -0.50
CA ILE A 35 -1.61 15.19 -1.10
C ILE A 35 -1.65 15.56 -2.58
N GLU A 36 -0.58 16.22 -3.00
CA GLU A 36 -0.31 16.39 -4.39
C GLU A 36 1.04 15.73 -4.71
N VAL A 37 1.09 14.89 -5.75
CA VAL A 37 2.37 14.37 -6.30
C VAL A 37 2.57 14.64 -7.81
N ASP A 38 3.82 14.79 -8.24
CA ASP A 38 4.13 14.73 -9.65
C ASP A 38 5.47 14.07 -9.98
N LEU A 39 5.57 13.62 -11.24
CA LEU A 39 6.78 13.01 -11.77
C LEU A 39 7.40 13.96 -12.79
N LEU A 40 8.70 13.86 -13.01
CA LEU A 40 9.46 14.88 -13.68
C LEU A 40 10.42 14.42 -14.78
N LYS A 41 10.34 15.06 -15.95
CA LYS A 41 11.38 14.96 -16.97
C LYS A 41 12.16 16.27 -17.01
N ASN A 42 13.25 16.35 -16.25
CA ASN A 42 14.22 17.49 -16.25
C ASN A 42 13.73 18.80 -15.59
N GLY A 43 12.58 18.72 -14.95
CA GLY A 43 11.84 19.88 -14.44
C GLY A 43 10.36 19.77 -14.79
N GLU A 44 10.04 18.86 -15.72
CA GLU A 44 8.74 18.84 -16.42
C GLU A 44 7.78 17.75 -15.95
N ARG A 45 6.65 18.18 -15.40
CA ARG A 45 5.51 17.29 -15.17
C ARG A 45 5.20 16.49 -16.44
N ILE A 46 4.80 15.24 -16.29
CA ILE A 46 4.37 14.45 -17.43
C ILE A 46 2.82 14.39 -17.39
N GLU A 47 2.22 13.44 -18.12
CA GLU A 47 0.77 13.44 -18.34
C GLU A 47 0.15 12.06 -18.11
N LYS A 48 0.55 11.07 -18.91
CA LYS A 48 0.02 9.73 -18.78
C LYS A 48 0.70 9.15 -17.56
N VAL A 49 0.49 9.80 -16.43
CA VAL A 49 1.05 9.41 -15.13
C VAL A 49 -0.05 8.68 -14.41
N GLU A 50 -0.01 7.35 -14.37
CA GLU A 50 -1.06 6.59 -13.71
C GLU A 50 -0.73 6.39 -12.23
N HIS A 51 -1.78 6.17 -11.43
CA HIS A 51 -1.60 5.80 -10.05
C HIS A 51 -2.76 4.96 -9.56
N SER A 52 -2.52 4.29 -8.46
CA SER A 52 -3.50 3.42 -7.85
C SER A 52 -4.42 4.23 -6.98
N ASP A 53 -5.56 3.63 -6.64
CA ASP A 53 -6.49 4.18 -5.65
C ASP A 53 -5.78 4.32 -4.30
N LEU A 54 -6.22 5.31 -3.52
CA LEU A 54 -5.59 5.63 -2.24
C LEU A 54 -5.78 4.46 -1.29
N SER A 55 -5.02 4.42 -0.20
CA SER A 55 -5.17 3.39 0.80
C SER A 55 -4.36 3.71 2.03
N PHE A 56 -4.42 2.81 3.02
CA PHE A 56 -3.82 3.07 4.32
C PHE A 56 -3.52 1.80 5.03
N SER A 57 -2.53 1.90 5.90
CA SER A 57 -1.84 0.76 6.41
C SER A 57 -2.29 0.57 7.83
N LYS A 58 -1.70 -0.43 8.49
CA LYS A 58 -2.23 -0.86 9.78
C LYS A 58 -2.11 0.25 10.80
N ASP A 59 -1.38 1.32 10.48
CA ASP A 59 -1.17 2.45 11.39
C ASP A 59 -1.90 3.68 10.92
N TRP A 60 -2.76 3.45 9.93
CA TRP A 60 -3.69 4.48 9.44
C TRP A 60 -3.07 5.50 8.47
N SER A 61 -1.73 5.62 8.52
CA SER A 61 -1.00 6.37 7.56
C SER A 61 -1.46 5.90 6.23
N PHE A 62 -1.40 6.81 5.26
CA PHE A 62 -1.77 6.52 3.90
C PHE A 62 -0.57 6.14 3.07
N TYR A 63 -0.84 5.66 1.85
CA TYR A 63 0.20 5.33 0.88
C TYR A 63 -0.36 5.22 -0.53
N LEU A 64 0.49 5.51 -1.52
CA LEU A 64 0.13 5.44 -2.97
C LEU A 64 1.27 5.00 -3.87
N LEU A 65 0.88 4.57 -5.07
CA LEU A 65 1.82 4.31 -6.14
C LEU A 65 1.52 5.17 -7.36
N TYR A 66 2.45 6.06 -7.70
CA TYR A 66 2.43 6.84 -8.93
C TYR A 66 3.46 6.30 -9.97
N TYR A 67 3.04 6.08 -11.20
CA TYR A 67 3.93 5.50 -12.22
C TYR A 67 3.64 5.91 -13.65
N THR A 68 4.65 5.88 -14.51
CA THR A 68 4.45 6.10 -15.95
C THR A 68 5.41 5.28 -16.79
N GLU A 69 5.06 5.07 -18.07
CA GLU A 69 6.02 4.55 -19.05
C GLU A 69 6.88 5.69 -19.56
N PHE A 70 8.03 5.34 -20.14
CA PHE A 70 9.06 6.29 -20.57
C PHE A 70 10.34 5.50 -20.86
N THR A 71 11.23 6.08 -21.68
CA THR A 71 12.57 5.52 -21.90
C THR A 71 13.65 6.50 -21.48
N PRO A 72 14.82 5.97 -21.06
CA PRO A 72 15.90 6.79 -20.54
C PRO A 72 17.00 7.08 -21.53
N THR A 73 17.59 8.27 -21.40
CA THR A 73 18.80 8.63 -22.11
C THR A 73 19.89 8.98 -21.09
N GLU A 74 21.11 9.15 -21.59
CA GLU A 74 22.29 9.43 -20.75
C GLU A 74 22.21 10.84 -20.18
N LYS A 75 21.58 11.76 -20.92
CA LYS A 75 21.16 13.03 -20.33
C LYS A 75 19.92 12.72 -19.45
N ASP A 76 18.94 13.61 -19.43
CA ASP A 76 17.59 13.32 -18.86
C ASP A 76 17.52 13.02 -17.32
N GLU A 77 17.42 14.08 -16.50
CA GLU A 77 17.12 13.96 -15.08
C GLU A 77 15.70 13.42 -14.85
N TYR A 78 15.56 12.56 -13.85
CA TYR A 78 14.24 12.14 -13.37
C TYR A 78 14.20 12.37 -11.87
N ALA A 79 12.98 12.48 -11.35
CA ALA A 79 12.75 12.86 -9.95
C ALA A 79 11.26 12.84 -9.64
N CYS A 80 10.95 12.74 -8.34
CA CYS A 80 9.57 12.69 -7.87
C CYS A 80 9.28 13.85 -6.92
N ARG A 81 8.33 14.72 -7.29
CA ARG A 81 8.03 15.93 -6.52
C ARG A 81 6.69 15.81 -5.83
N VAL A 82 6.72 16.15 -4.54
CA VAL A 82 5.60 15.89 -3.67
C VAL A 82 5.39 17.09 -2.78
N ASN A 83 4.13 17.52 -2.65
CA ASN A 83 3.76 18.57 -1.71
C ASN A 83 2.71 18.05 -0.75
N HIS A 84 2.80 18.46 0.52
CA HIS A 84 1.84 18.05 1.54
C HIS A 84 2.01 18.82 2.85
N VAL A 85 0.96 19.53 3.24
CA VAL A 85 0.94 20.39 4.43
C VAL A 85 2.15 20.34 5.35
N THR A 86 2.47 19.16 5.90
CA THR A 86 3.63 19.00 6.81
C THR A 86 4.98 19.32 6.21
N LEU A 87 5.06 19.34 4.88
CA LEU A 87 6.27 19.75 4.17
C LEU A 87 6.38 21.25 4.04
N SER A 88 7.60 21.77 4.04
CA SER A 88 7.87 23.23 4.01
C SER A 88 8.32 23.73 2.65
N GLN A 89 8.45 22.80 1.71
CA GLN A 89 8.69 23.10 0.30
C GLN A 89 8.65 21.76 -0.37
N PRO A 90 8.19 21.72 -1.62
CA PRO A 90 8.02 20.39 -2.16
C PRO A 90 9.34 19.63 -2.09
N LYS A 91 9.35 18.58 -1.29
CA LYS A 91 10.52 17.71 -1.18
C LYS A 91 10.60 16.92 -2.47
N ILE A 92 11.54 17.25 -3.34
CA ILE A 92 11.68 16.52 -4.59
C ILE A 92 12.84 15.53 -4.47
N VAL A 93 12.52 14.26 -4.65
CA VAL A 93 13.52 13.23 -4.56
C VAL A 93 13.93 12.86 -5.96
N LYS A 94 15.24 12.70 -6.18
CA LYS A 94 15.79 12.44 -7.50
C LYS A 94 16.01 10.96 -7.69
N TRP A 95 15.67 10.49 -8.88
CA TRP A 95 15.90 9.12 -9.31
C TRP A 95 17.38 8.89 -9.67
N ASP A 96 17.79 7.64 -9.84
CA ASP A 96 19.16 7.36 -10.29
C ASP A 96 19.37 5.95 -10.78
N ARG A 97 20.11 5.83 -11.87
CA ARG A 97 20.68 4.55 -12.26
C ARG A 97 21.20 3.85 -11.01
N ASP A 98 22.06 4.59 -10.29
CA ASP A 98 22.65 4.14 -9.03
C ASP A 98 21.74 4.48 -7.83
N MET A 99 20.43 4.40 -8.08
CA MET A 99 19.33 4.54 -7.09
C MET A 99 18.95 5.94 -6.58
N ASP A 100 19.95 6.68 -6.08
CA ASP A 100 19.74 7.94 -5.35
C ASP A 100 21.09 8.67 -5.18
N GLN A 117 -3.11 -12.68 3.01
CA GLN A 117 -3.23 -12.82 4.49
C GLN A 117 -4.60 -13.37 4.90
N LEU A 118 -5.15 -14.29 4.10
CA LEU A 118 -6.43 -14.97 4.40
C LEU A 118 -7.39 -14.21 5.34
N SER A 119 -7.79 -13.01 4.93
CA SER A 119 -8.75 -12.18 5.66
C SER A 119 -9.37 -11.17 4.72
N PHE A 120 -10.68 -10.93 4.83
CA PHE A 120 -11.35 -9.96 3.95
C PHE A 120 -11.42 -8.58 4.58
N ARG A 121 -10.74 -7.61 3.99
CA ARG A 121 -10.64 -6.30 4.61
C ARG A 121 -11.48 -5.35 3.80
N MET A 122 -12.32 -4.58 4.49
CA MET A 122 -12.98 -3.44 3.89
C MET A 122 -12.50 -2.19 4.61
N LEU A 123 -11.90 -1.28 3.85
CA LEU A 123 -11.32 -0.08 4.42
C LEU A 123 -12.03 1.12 3.84
N GLN A 124 -12.27 2.10 4.70
CA GLN A 124 -12.96 3.31 4.30
C GLN A 124 -12.20 4.49 4.82
N THR A 125 -12.28 5.58 4.05
CA THR A 125 -11.75 6.88 4.48
C THR A 125 -12.77 7.89 4.07
N SER A 126 -13.28 8.63 5.03
CA SER A 126 -14.19 9.72 4.76
C SER A 126 -13.63 10.96 5.39
N SER A 127 -13.42 11.95 4.53
CA SER A 127 -12.69 13.16 4.85
C SER A 127 -13.75 14.18 5.01
N PHE A 128 -13.47 15.22 5.79
CA PHE A 128 -14.49 16.18 6.21
C PHE A 128 -13.85 17.55 6.27
N ALA A 129 -13.78 18.23 5.13
CA ALA A 129 -13.04 19.47 5.04
C ALA A 129 -13.78 20.60 5.70
N ASN A 130 -15.11 20.52 5.68
CA ASN A 130 -16.02 21.51 6.31
C ASN A 130 -17.48 21.03 6.21
N HIS A 131 -18.38 21.72 6.88
CA HIS A 131 -19.83 21.40 6.84
C HIS A 131 -20.32 21.28 5.39
N SER A 132 -20.08 22.31 4.57
CA SER A 132 -20.42 22.29 3.12
C SER A 132 -19.98 21.04 2.35
N TRP A 133 -18.67 20.81 2.30
CA TRP A 133 -18.08 19.72 1.51
C TRP A 133 -17.72 18.48 2.35
N ALA A 134 -17.72 17.33 1.71
CA ALA A 134 -17.16 16.09 2.28
C ALA A 134 -16.92 15.05 1.18
N HIS A 135 -16.17 13.99 1.51
CA HIS A 135 -15.86 12.96 0.54
C HIS A 135 -15.39 11.69 1.22
N SER A 136 -15.62 10.57 0.55
CA SER A 136 -15.23 9.27 1.07
C SER A 136 -14.80 8.36 -0.05
N GLU A 137 -13.75 7.60 0.21
CA GLU A 137 -13.36 6.50 -0.67
C GLU A 137 -13.58 5.23 0.16
N GLY A 138 -13.71 4.10 -0.52
CA GLY A 138 -13.79 2.82 0.17
C GLY A 138 -13.25 1.68 -0.67
N SER A 139 -12.67 0.68 -0.02
CA SER A 139 -12.05 -0.44 -0.74
C SER A 139 -12.33 -1.79 -0.09
N GLY A 140 -11.97 -2.84 -0.80
CA GLY A 140 -12.29 -4.18 -0.39
C GLY A 140 -11.19 -5.13 -0.80
N TRP A 141 -10.28 -5.39 0.11
CA TRP A 141 -9.14 -6.20 -0.20
C TRP A 141 -9.34 -7.62 0.25
N LEU A 142 -8.40 -8.45 -0.15
CA LEU A 142 -8.21 -9.77 0.40
C LEU A 142 -6.71 -9.97 0.49
N GLY A 143 -6.21 -10.13 1.69
CA GLY A 143 -4.79 -10.15 1.90
C GLY A 143 -4.21 -8.97 1.16
N ASP A 144 -3.12 -9.21 0.43
CA ASP A 144 -2.43 -8.14 -0.26
C ASP A 144 -3.22 -7.55 -1.45
N LEU A 145 -4.18 -8.30 -2.02
CA LEU A 145 -4.81 -7.92 -3.29
C LEU A 145 -6.17 -7.25 -3.13
N GLN A 146 -6.29 -6.01 -3.60
CA GLN A 146 -7.57 -5.27 -3.55
C GLN A 146 -8.58 -5.87 -4.50
N THR A 147 -9.66 -6.44 -3.96
CA THR A 147 -10.66 -7.15 -4.75
C THR A 147 -11.77 -6.27 -5.26
N HIS A 148 -12.02 -5.19 -4.57
CA HIS A 148 -13.17 -4.38 -4.84
C HIS A 148 -12.85 -2.92 -4.58
N GLY A 149 -13.62 -2.04 -5.22
CA GLY A 149 -13.60 -0.61 -4.95
C GLY A 149 -15.00 -0.08 -5.09
N TRP A 150 -15.16 1.22 -4.82
CA TRP A 150 -16.48 1.87 -4.82
C TRP A 150 -16.54 3.02 -5.85
N ASP A 151 -17.62 3.08 -6.62
CA ASP A 151 -17.83 4.20 -7.55
C ASP A 151 -18.57 5.23 -6.76
N THR A 152 -17.97 6.40 -6.53
CA THR A 152 -18.57 7.42 -5.67
C THR A 152 -19.70 8.11 -6.43
N VAL A 153 -19.40 8.54 -7.67
CA VAL A 153 -20.39 9.14 -8.56
C VAL A 153 -21.56 8.19 -8.69
N LEU A 154 -21.37 7.12 -9.46
CA LEU A 154 -22.43 6.16 -9.76
C LEU A 154 -22.91 5.35 -8.53
N GLY A 155 -22.26 5.51 -7.38
CA GLY A 155 -22.67 4.85 -6.15
C GLY A 155 -22.74 3.33 -6.25
N THR A 156 -21.65 2.69 -6.64
CA THR A 156 -21.68 1.25 -6.86
C THR A 156 -20.32 0.59 -6.76
N ILE A 157 -20.33 -0.75 -6.68
CA ILE A 157 -19.15 -1.56 -6.43
C ILE A 157 -18.35 -1.74 -7.70
N ARG A 158 -17.13 -1.21 -7.71
CA ARG A 158 -16.18 -1.54 -8.74
C ARG A 158 -15.55 -2.88 -8.33
N PHE A 159 -15.78 -3.92 -9.14
CA PHE A 159 -15.38 -5.28 -8.79
C PHE A 159 -13.92 -5.64 -8.92
N LEU A 160 -13.21 -5.04 -9.87
CA LEU A 160 -11.74 -5.18 -9.99
C LEU A 160 -11.25 -6.51 -10.62
N LYS A 161 -10.77 -7.46 -9.82
CA LYS A 161 -10.46 -8.79 -10.37
C LYS A 161 -11.74 -9.46 -10.84
N PRO A 162 -11.66 -10.33 -11.86
CA PRO A 162 -12.90 -10.91 -12.39
C PRO A 162 -13.61 -11.78 -11.35
N TRP A 163 -12.88 -12.74 -10.80
CA TRP A 163 -13.37 -13.59 -9.71
C TRP A 163 -13.78 -12.81 -8.44
N SER A 164 -13.74 -11.48 -8.46
CA SER A 164 -14.16 -10.67 -7.31
C SER A 164 -15.62 -10.81 -6.92
N HIS A 165 -16.40 -11.56 -7.70
CA HIS A 165 -17.78 -11.86 -7.33
C HIS A 165 -17.87 -12.94 -6.26
N GLY A 166 -17.01 -13.95 -6.32
CA GLY A 166 -17.13 -15.11 -5.44
C GLY A 166 -18.40 -15.83 -5.78
N ASN A 167 -18.90 -16.70 -4.90
CA ASN A 167 -20.16 -17.42 -5.18
C ASN A 167 -21.40 -16.68 -4.66
N PHE A 168 -21.29 -15.39 -4.40
CA PHE A 168 -22.43 -14.57 -4.10
C PHE A 168 -23.20 -14.36 -5.40
N SER A 169 -24.50 -14.57 -5.37
CA SER A 169 -25.36 -14.41 -6.53
C SER A 169 -25.37 -12.98 -7.05
N LYS A 170 -25.59 -12.83 -8.34
CA LYS A 170 -25.84 -11.53 -8.97
C LYS A 170 -26.77 -10.69 -8.14
N GLN A 171 -27.86 -11.29 -7.71
CA GLN A 171 -28.86 -10.58 -6.93
C GLN A 171 -28.40 -10.41 -5.50
N GLU A 172 -27.71 -11.42 -4.96
CA GLU A 172 -27.18 -11.34 -3.60
C GLU A 172 -26.45 -10.01 -3.41
N LEU A 173 -25.47 -9.75 -4.26
CA LEU A 173 -24.63 -8.55 -4.16
C LEU A 173 -25.42 -7.29 -4.50
N LYS A 174 -26.22 -7.36 -5.56
CA LYS A 174 -27.11 -6.25 -5.92
C LYS A 174 -27.68 -5.59 -4.67
N ASN A 175 -28.04 -6.40 -3.67
CA ASN A 175 -28.59 -5.89 -2.40
C ASN A 175 -27.58 -5.17 -1.52
N LEU A 176 -26.50 -5.87 -1.21
CA LEU A 176 -25.39 -5.32 -0.42
C LEU A 176 -25.02 -3.95 -0.95
N GLN A 177 -24.89 -3.84 -2.27
CA GLN A 177 -24.67 -2.55 -2.92
C GLN A 177 -25.48 -1.46 -2.19
N SER A 178 -26.80 -1.69 -2.09
CA SER A 178 -27.73 -0.74 -1.52
C SER A 178 -27.46 -0.54 -0.05
N LEU A 179 -27.25 -1.66 0.63
CA LEU A 179 -27.04 -1.65 2.07
C LEU A 179 -25.79 -0.86 2.42
N PHE A 180 -24.84 -0.78 1.49
CA PHE A 180 -23.70 0.11 1.63
C PHE A 180 -24.11 1.51 1.25
N GLN A 181 -24.82 1.60 0.13
CA GLN A 181 -25.15 2.88 -0.45
C GLN A 181 -25.86 3.75 0.56
N LEU A 182 -26.85 3.18 1.23
CA LEU A 182 -27.48 3.85 2.37
C LEU A 182 -26.40 4.18 3.40
N TYR A 183 -25.65 3.16 3.82
CA TYR A 183 -24.67 3.32 4.87
C TYR A 183 -23.83 4.53 4.55
N PHE A 184 -23.15 4.51 3.40
CA PHE A 184 -22.21 5.56 3.04
C PHE A 184 -22.89 6.91 3.10
N HIS A 185 -24.10 6.95 2.55
CA HIS A 185 -24.88 8.18 2.43
C HIS A 185 -25.32 8.70 3.79
N SER A 186 -25.65 7.78 4.68
CA SER A 186 -25.99 8.13 6.05
C SER A 186 -24.80 8.66 6.81
N PHE A 187 -23.68 7.97 6.68
CA PHE A 187 -22.50 8.20 7.50
C PHE A 187 -22.07 9.65 7.48
N ILE A 188 -21.85 10.17 6.28
CA ILE A 188 -21.49 11.57 6.11
C ILE A 188 -22.55 12.49 6.78
N ARG A 189 -23.81 12.20 6.54
CA ARG A 189 -24.91 13.03 7.02
C ARG A 189 -24.88 13.12 8.52
N ILE A 190 -24.74 11.96 9.16
CA ILE A 190 -24.79 11.85 10.60
C ILE A 190 -23.61 12.55 11.21
N VAL A 191 -22.43 12.28 10.70
CA VAL A 191 -21.27 12.83 11.34
C VAL A 191 -21.41 14.32 11.26
N GLN A 192 -21.54 14.83 10.04
CA GLN A 192 -21.62 16.27 9.82
C GLN A 192 -22.48 16.92 10.90
N ALA A 193 -23.65 16.31 11.15
CA ALA A 193 -24.48 16.66 12.31
C ALA A 193 -23.64 16.56 13.59
N SER A 194 -23.50 15.35 14.12
CA SER A 194 -22.78 15.11 15.39
C SER A 194 -21.56 16.03 15.62
N ALA A 195 -20.84 16.33 14.55
CA ALA A 195 -19.67 17.20 14.62
C ALA A 195 -19.48 18.00 15.90
N GLY A 196 -20.39 18.93 16.16
CA GLY A 196 -20.19 19.91 17.23
C GLY A 196 -20.40 19.33 18.61
N GLN A 197 -21.45 18.53 18.76
CA GLN A 197 -21.73 17.82 20.00
CA GLN A 197 -21.71 17.90 20.05
C GLN A 197 -20.43 17.21 20.50
N PHE A 198 -19.69 16.62 19.57
CA PHE A 198 -18.47 15.92 19.91
C PHE A 198 -17.19 16.67 19.52
N GLN A 199 -17.31 17.96 19.25
CA GLN A 199 -16.13 18.75 18.93
C GLN A 199 -15.15 18.01 18.04
N LEU A 200 -15.59 17.66 16.83
CA LEU A 200 -14.71 17.17 15.79
C LEU A 200 -14.19 18.36 15.01
N GLU A 201 -12.88 18.52 14.92
CA GLU A 201 -12.36 19.71 14.29
C GLU A 201 -12.20 19.56 12.78
N TYR A 202 -12.81 20.45 12.02
CA TYR A 202 -12.61 20.51 10.57
C TYR A 202 -11.28 21.14 10.34
N PRO A 203 -10.51 20.61 9.40
CA PRO A 203 -10.78 19.44 8.58
C PRO A 203 -10.40 18.21 9.35
N PHE A 204 -11.06 17.09 9.08
CA PHE A 204 -10.70 15.84 9.73
C PHE A 204 -11.13 14.67 8.89
N GLU A 205 -10.52 13.53 9.15
CA GLU A 205 -10.84 12.35 8.40
C GLU A 205 -11.07 11.19 9.37
N ILE A 206 -11.91 10.29 8.96
CA ILE A 206 -12.26 9.21 9.80
C ILE A 206 -12.05 8.03 8.95
N GLN A 207 -11.31 7.08 9.49
CA GLN A 207 -10.93 5.90 8.74
C GLN A 207 -11.62 4.74 9.40
N ILE A 208 -11.85 3.68 8.65
CA ILE A 208 -12.49 2.52 9.21
C ILE A 208 -11.95 1.29 8.54
N LEU A 209 -11.71 0.23 9.33
CA LEU A 209 -11.19 -1.02 8.82
C LEU A 209 -11.98 -2.18 9.35
N ALA A 210 -12.94 -2.68 8.58
CA ALA A 210 -13.91 -3.64 9.08
C ALA A 210 -13.78 -4.92 8.29
N GLY A 211 -14.21 -6.06 8.85
CA GLY A 211 -14.18 -7.30 8.09
C GLY A 211 -14.12 -8.62 8.84
N CYS A 212 -13.90 -9.69 8.06
CA CYS A 212 -13.80 -11.10 8.50
C CYS A 212 -12.37 -11.57 8.53
N ARG A 213 -12.15 -12.71 9.20
CA ARG A 213 -10.82 -13.34 9.28
C ARG A 213 -10.74 -14.30 10.45
N MET A 214 -10.32 -15.53 10.17
CA MET A 214 -10.12 -16.56 11.18
C MET A 214 -11.49 -17.12 11.63
N ASN A 215 -11.55 -18.22 12.39
CA ASN A 215 -10.44 -18.83 13.12
C ASN A 215 -10.04 -17.99 14.36
N ALA A 216 -11.02 -17.73 15.24
CA ALA A 216 -10.81 -16.96 16.47
C ALA A 216 -10.21 -15.54 16.22
N PRO A 217 -10.97 -14.48 16.53
CA PRO A 217 -12.40 -14.44 16.85
C PRO A 217 -13.27 -14.67 15.60
N GLN A 218 -13.09 -13.78 14.59
CA GLN A 218 -13.81 -13.77 13.30
C GLN A 218 -14.02 -12.34 12.77
N ILE A 219 -14.63 -11.50 13.61
CA ILE A 219 -15.04 -10.14 13.23
C ILE A 219 -14.05 -9.11 13.72
N PHE A 220 -14.12 -7.92 13.13
CA PHE A 220 -13.33 -6.78 13.59
C PHE A 220 -13.76 -5.53 12.83
N LEU A 221 -13.36 -4.39 13.37
CA LEU A 221 -13.86 -3.11 12.93
C LEU A 221 -13.24 -2.03 13.83
N ASN A 222 -12.31 -1.25 13.29
CA ASN A 222 -11.61 -0.20 14.05
C ASN A 222 -11.74 1.13 13.34
N MET A 223 -11.72 2.23 14.06
CA MET A 223 -12.19 3.46 13.48
C MET A 223 -11.42 4.66 13.94
N ALA A 224 -10.31 4.91 13.28
CA ALA A 224 -9.40 5.97 13.68
C ALA A 224 -9.96 7.29 13.26
N TYR A 225 -9.35 8.34 13.76
CA TYR A 225 -9.81 9.70 13.51
C TYR A 225 -8.61 10.58 13.72
N GLN A 226 -8.26 11.37 12.71
CA GLN A 226 -6.97 12.05 12.62
C GLN A 226 -5.80 11.06 12.74
N GLY A 227 -5.91 9.92 12.06
CA GLY A 227 -4.80 8.97 11.98
C GLY A 227 -4.48 8.28 13.29
N SER A 228 -5.50 8.06 14.13
CA SER A 228 -5.28 7.57 15.50
C SER A 228 -6.40 6.66 16.04
N ASP A 229 -6.04 5.42 16.39
CA ASP A 229 -6.99 4.46 16.94
C ASP A 229 -7.93 5.26 17.83
N PHE A 230 -9.22 5.30 17.45
CA PHE A 230 -10.20 6.16 18.15
C PHE A 230 -11.36 5.42 18.79
N LEU A 231 -11.73 4.28 18.25
CA LEU A 231 -13.04 3.68 18.52
C LEU A 231 -13.00 2.32 17.85
N SER A 232 -13.65 1.34 18.47
CA SER A 232 -13.58 -0.06 18.01
C SER A 232 -14.78 -0.89 18.45
N PHE A 233 -14.95 -2.07 17.83
CA PHE A 233 -16.09 -2.93 18.11
C PHE A 233 -15.68 -4.14 18.96
N SER A 237 -19.74 -5.41 21.59
CA SER A 237 -20.00 -4.01 21.97
C SER A 237 -18.87 -3.02 21.64
N TRP A 238 -19.20 -1.73 21.67
CA TRP A 238 -18.27 -0.66 21.28
C TRP A 238 -17.41 -0.26 22.44
N GLU A 239 -16.12 -0.11 22.15
CA GLU A 239 -15.13 0.27 23.14
C GLU A 239 -14.36 1.51 22.61
N PRO A 240 -14.13 2.52 23.49
CA PRO A 240 -13.30 3.68 23.13
C PRO A 240 -11.83 3.35 23.26
N SER A 241 -10.94 4.07 22.57
CA SER A 241 -9.50 3.87 22.74
C SER A 241 -9.00 4.76 23.86
N PRO A 242 -7.98 4.30 24.63
CA PRO A 242 -7.60 5.16 25.76
C PRO A 242 -7.21 6.56 25.25
N GLY A 243 -6.19 6.58 24.38
CA GLY A 243 -5.69 7.82 23.80
C GLY A 243 -6.78 8.78 23.35
N ALA A 244 -7.81 8.27 22.71
CA ALA A 244 -8.88 9.13 22.22
C ALA A 244 -9.31 10.16 23.27
N GLY A 245 -9.51 9.69 24.49
CA GLY A 245 -9.95 10.56 25.58
C GLY A 245 -11.45 10.65 25.60
N ILE A 246 -11.96 11.69 26.27
CA ILE A 246 -13.38 11.83 26.56
C ILE A 246 -14.21 11.70 25.29
N ARG A 247 -13.73 12.28 24.20
CA ARG A 247 -14.47 12.26 22.93
C ARG A 247 -14.92 10.85 22.51
N ALA A 248 -13.98 9.95 22.23
CA ALA A 248 -14.30 8.56 22.03
C ALA A 248 -15.19 8.06 23.15
N GLN A 249 -14.71 8.22 24.39
CA GLN A 249 -15.44 7.79 25.59
C GLN A 249 -16.91 8.08 25.37
N ASN A 250 -17.22 9.35 25.07
CA ASN A 250 -18.60 9.77 24.81
C ASN A 250 -19.13 9.03 23.61
N ILE A 251 -18.46 9.20 22.47
CA ILE A 251 -18.96 8.71 21.20
C ILE A 251 -19.31 7.25 21.29
N CYS A 252 -18.60 6.49 22.12
CA CYS A 252 -18.97 5.08 22.33
C CYS A 252 -20.31 4.92 23.03
N LYS A 253 -20.62 5.81 23.97
CA LYS A 253 -21.93 5.74 24.64
C LYS A 253 -23.06 5.77 23.61
N VAL A 254 -23.30 6.93 22.98
CA VAL A 254 -24.26 7.03 21.87
C VAL A 254 -24.34 5.72 21.05
N LEU A 255 -23.21 5.18 20.66
CA LEU A 255 -23.23 3.97 19.84
C LEU A 255 -23.61 2.70 20.61
N ASN A 256 -23.07 2.50 21.82
CA ASN A 256 -23.36 1.26 22.57
C ASN A 256 -24.86 1.10 22.80
N ARG A 257 -25.56 2.23 22.80
CA ARG A 257 -27.00 2.34 23.08
C ARG A 257 -27.92 1.92 21.92
N TYR A 258 -27.42 2.04 20.68
CA TYR A 258 -28.12 1.62 19.46
C TYR A 258 -27.89 0.14 19.20
N LEU A 259 -28.66 -0.70 19.89
CA LEU A 259 -28.51 -2.14 19.80
C LEU A 259 -28.84 -2.65 18.36
N ASP A 260 -29.83 -2.02 17.72
CA ASP A 260 -30.19 -2.37 16.34
C ASP A 260 -28.96 -2.40 15.47
N ILE A 261 -28.16 -1.34 15.59
CA ILE A 261 -26.94 -1.15 14.84
C ILE A 261 -25.95 -2.29 15.16
N LYS A 262 -25.72 -2.49 16.46
CA LYS A 262 -24.85 -3.55 16.93
C LYS A 262 -25.27 -4.85 16.27
N GLU A 263 -26.55 -5.11 16.29
CA GLU A 263 -27.02 -6.36 15.77
C GLU A 263 -26.83 -6.48 14.27
N ILE A 264 -27.09 -5.40 13.55
CA ILE A 264 -27.00 -5.41 12.09
C ILE A 264 -25.61 -5.87 11.72
N LEU A 265 -24.62 -5.09 12.11
CA LEU A 265 -23.23 -5.40 11.78
C LEU A 265 -22.93 -6.82 12.26
N GLN A 266 -23.38 -7.14 13.47
CA GLN A 266 -23.07 -8.43 14.06
C GLN A 266 -23.39 -9.51 13.04
N SER A 267 -24.53 -9.36 12.36
CA SER A 267 -24.95 -10.33 11.33
C SER A 267 -24.12 -10.25 10.05
N LEU A 268 -23.87 -9.01 9.59
CA LEU A 268 -23.11 -8.80 8.36
C LEU A 268 -21.72 -9.37 8.50
N LEU A 269 -20.92 -8.80 9.41
CA LEU A 269 -19.54 -9.25 9.63
C LEU A 269 -19.45 -10.59 10.34
N GLY A 270 -20.50 -10.92 11.09
CA GLY A 270 -20.56 -12.17 11.85
C GLY A 270 -20.46 -13.38 10.95
N HIS A 271 -21.54 -13.68 10.23
CA HIS A 271 -21.63 -14.89 9.41
C HIS A 271 -21.78 -14.67 7.89
N THR A 272 -22.09 -13.45 7.45
CA THR A 272 -22.26 -13.16 6.02
C THR A 272 -20.93 -13.01 5.32
N CYS A 273 -20.20 -11.97 5.72
CA CYS A 273 -18.91 -11.67 5.14
C CYS A 273 -17.92 -12.85 5.23
N PRO A 274 -17.96 -13.66 6.32
CA PRO A 274 -17.04 -14.81 6.29
C PRO A 274 -17.48 -15.88 5.34
N ARG A 275 -18.80 -16.05 5.19
CA ARG A 275 -19.30 -16.97 4.19
C ARG A 275 -18.75 -16.42 2.89
N PHE A 276 -18.86 -15.11 2.72
CA PHE A 276 -18.34 -14.46 1.54
C PHE A 276 -16.82 -14.68 1.37
N LEU A 277 -16.03 -14.46 2.42
CA LEU A 277 -14.57 -14.74 2.40
C LEU A 277 -14.33 -16.13 1.85
N ALA A 278 -14.88 -17.13 2.54
CA ALA A 278 -14.85 -18.50 2.07
C ALA A 278 -14.95 -18.51 0.54
N GLY A 279 -15.91 -17.75 0.03
CA GLY A 279 -16.15 -17.60 -1.40
C GLY A 279 -15.01 -17.00 -2.20
N LEU A 280 -14.57 -15.80 -1.83
CA LEU A 280 -13.45 -15.16 -2.53
C LEU A 280 -12.26 -16.11 -2.58
N MET A 281 -11.94 -16.72 -1.43
CA MET A 281 -10.83 -17.67 -1.32
C MET A 281 -10.87 -18.80 -2.37
N GLU A 282 -11.97 -19.57 -2.41
CA GLU A 282 -12.07 -20.70 -3.32
C GLU A 282 -12.12 -20.28 -4.80
N ALA A 283 -12.70 -19.12 -5.09
CA ALA A 283 -12.78 -18.61 -6.46
C ALA A 283 -11.47 -18.02 -6.99
N GLY A 284 -10.58 -17.61 -6.08
CA GLY A 284 -9.28 -17.04 -6.45
C GLY A 284 -8.28 -18.06 -6.98
N GLU A 285 -7.72 -18.86 -6.08
CA GLU A 285 -6.86 -20.02 -6.41
C GLU A 285 -5.86 -19.82 -7.55
N SER A 286 -6.34 -19.92 -8.80
CA SER A 286 -5.49 -19.78 -9.98
C SER A 286 -4.69 -18.47 -10.00
N GLU A 287 -5.27 -17.38 -9.49
CA GLU A 287 -4.52 -16.12 -9.34
C GLU A 287 -3.95 -15.94 -7.90
N LEU A 288 -4.44 -16.76 -6.97
CA LEU A 288 -3.96 -16.73 -5.57
C LEU A 288 -2.68 -17.53 -5.39
N LYS A 289 -2.78 -18.83 -5.70
CA LYS A 289 -1.63 -19.73 -5.71
C LYS A 289 -0.71 -19.40 -6.89
N ARG A 290 -0.54 -18.11 -7.17
CA ARG A 290 0.12 -17.69 -8.38
C ARG A 290 1.54 -17.31 -8.07
N LYS A 291 2.40 -17.67 -8.99
CA LYS A 291 3.82 -17.52 -8.84
C LYS A 291 4.35 -16.80 -10.07
N VAL A 292 5.38 -15.98 -9.84
CA VAL A 292 6.04 -15.22 -10.89
C VAL A 292 7.54 -15.16 -10.58
N LYS A 293 8.37 -15.54 -11.54
CA LYS A 293 9.82 -15.51 -11.36
C LYS A 293 10.32 -14.05 -11.25
N PRO A 294 11.26 -13.77 -10.35
CA PRO A 294 11.78 -12.42 -10.22
C PRO A 294 12.62 -11.96 -11.37
N GLU A 295 13.58 -11.11 -11.08
CA GLU A 295 14.49 -10.58 -12.05
C GLU A 295 15.38 -9.70 -11.24
N ALA A 296 16.68 -9.73 -11.49
CA ALA A 296 17.49 -8.95 -10.56
C ALA A 296 18.62 -8.43 -11.27
N TRP A 297 19.20 -7.34 -10.78
CA TRP A 297 20.37 -6.68 -11.40
C TRP A 297 21.32 -6.03 -10.35
N LEU A 298 22.14 -5.03 -10.75
CA LEU A 298 23.26 -4.56 -9.91
C LEU A 298 23.72 -3.10 -10.02
N SER A 299 23.97 -2.41 -8.90
CA SER A 299 24.36 -0.98 -8.92
C SER A 299 25.78 -0.72 -8.39
N CYS A 300 26.09 0.56 -8.22
CA CYS A 300 27.08 1.04 -7.26
C CYS A 300 26.39 2.28 -6.71
N GLY A 301 25.45 2.11 -5.78
CA GLY A 301 24.93 3.25 -5.03
C GLY A 301 26.09 4.07 -4.49
N PRO A 302 25.80 5.24 -3.91
CA PRO A 302 26.83 6.22 -3.59
C PRO A 302 27.90 5.64 -2.67
N SER A 303 29.18 5.84 -3.01
CA SER A 303 30.28 5.43 -2.13
C SER A 303 30.15 6.18 -0.80
N PRO A 304 30.00 5.46 0.33
CA PRO A 304 29.89 6.15 1.62
C PRO A 304 31.29 6.42 2.17
N GLY A 305 31.90 7.53 1.75
CA GLY A 305 33.20 7.99 2.27
C GLY A 305 34.37 7.64 1.37
N PRO A 306 35.54 7.28 1.97
CA PRO A 306 36.77 7.02 1.23
C PRO A 306 36.69 5.75 0.37
N GLY A 307 37.83 5.14 0.07
CA GLY A 307 37.88 3.87 -0.68
C GLY A 307 36.85 2.85 -0.26
N ARG A 308 35.57 3.17 -0.53
CA ARG A 308 34.43 2.40 -0.08
C ARG A 308 33.43 2.23 -1.21
N LEU A 309 33.11 0.97 -1.53
CA LEU A 309 32.13 0.63 -2.58
C LEU A 309 30.76 0.58 -1.93
N GLN A 310 29.76 0.05 -2.64
CA GLN A 310 28.40 -0.10 -2.12
C GLN A 310 27.46 -0.75 -3.13
N LEU A 311 27.79 -1.98 -3.48
CA LEU A 311 27.10 -2.66 -4.55
C LEU A 311 25.68 -2.77 -4.08
N VAL A 312 24.69 -2.58 -4.97
CA VAL A 312 23.28 -2.76 -4.63
C VAL A 312 22.62 -3.89 -5.40
N CYS A 313 21.88 -4.75 -4.73
CA CYS A 313 21.03 -5.70 -5.45
C CYS A 313 19.69 -4.97 -5.83
N HIS A 314 18.88 -5.70 -6.62
CA HIS A 314 17.70 -5.22 -7.33
C HIS A 314 16.81 -6.44 -7.77
N VAL A 315 16.41 -7.33 -6.83
CA VAL A 315 15.37 -8.32 -7.20
C VAL A 315 14.12 -7.59 -7.66
N SER A 316 13.48 -7.99 -8.78
CA SER A 316 12.17 -7.41 -9.10
C SER A 316 11.14 -8.27 -9.85
N GLY A 317 9.93 -7.76 -9.92
CA GLY A 317 8.91 -8.35 -10.75
C GLY A 317 8.28 -9.65 -10.30
N PHE A 318 8.56 -10.02 -9.04
CA PHE A 318 8.07 -11.27 -8.45
C PHE A 318 6.75 -11.24 -7.65
N TYR A 319 6.12 -12.43 -7.57
CA TYR A 319 4.91 -12.64 -6.77
C TYR A 319 4.81 -14.12 -6.50
N PRO A 320 4.44 -14.53 -5.25
CA PRO A 320 3.94 -13.74 -4.12
C PRO A 320 5.06 -13.02 -3.41
N LYS A 321 4.71 -12.24 -2.40
CA LYS A 321 5.67 -11.35 -1.68
C LYS A 321 6.87 -12.07 -1.03
N PRO A 322 6.63 -12.96 -0.07
CA PRO A 322 7.77 -13.49 0.70
C PRO A 322 9.00 -13.81 -0.15
N VAL A 323 10.06 -13.01 0.04
CA VAL A 323 11.33 -13.13 -0.69
C VAL A 323 12.50 -12.99 0.30
N TRP A 324 13.58 -13.67 -0.03
CA TRP A 324 14.74 -13.70 0.84
C TRP A 324 15.91 -13.48 0.00
N VAL A 325 16.77 -12.57 0.43
CA VAL A 325 17.77 -12.06 -0.46
C VAL A 325 19.03 -11.58 0.24
N MET A 326 20.15 -12.11 -0.24
CA MET A 326 21.39 -12.00 0.46
C MET A 326 22.48 -11.70 -0.51
N TRP A 327 23.36 -10.79 -0.12
CA TRP A 327 24.65 -10.69 -0.78
C TRP A 327 25.54 -11.80 -0.35
N MET A 328 26.20 -12.39 -1.32
CA MET A 328 26.88 -13.61 -1.09
C MET A 328 28.40 -13.55 -1.13
N ARG A 329 28.97 -14.74 -1.21
CA ARG A 329 30.30 -14.97 -1.69
C ARG A 329 30.43 -16.48 -1.46
N GLY A 330 30.18 -17.23 -2.55
CA GLY A 330 29.95 -18.66 -2.58
C GLY A 330 28.77 -18.96 -1.68
N GLU A 331 28.95 -19.92 -0.78
CA GLU A 331 27.87 -20.30 0.14
C GLU A 331 27.88 -19.48 1.41
N GLN A 332 29.00 -18.81 1.65
CA GLN A 332 29.21 -17.83 2.72
C GLN A 332 28.34 -16.60 2.76
N GLU A 333 27.25 -16.64 3.52
CA GLU A 333 26.41 -15.45 3.65
C GLU A 333 27.12 -14.21 4.23
N GLN A 334 26.99 -13.11 3.46
CA GLN A 334 27.48 -11.78 3.87
C GLN A 334 26.47 -10.96 4.69
N ARG A 335 26.67 -10.98 6.00
CA ARG A 335 25.68 -10.52 6.99
C ARG A 335 25.44 -9.01 7.07
N GLY A 336 26.30 -8.24 6.40
CA GLY A 336 26.05 -6.79 6.18
C GLY A 336 24.88 -6.52 5.26
N THR A 337 24.44 -7.53 4.51
CA THR A 337 23.37 -7.28 3.64
C THR A 337 22.28 -6.54 4.39
N GLN A 338 21.92 -5.34 3.93
CA GLN A 338 20.80 -4.56 4.45
C GLN A 338 19.67 -4.78 3.51
N ARG A 339 18.48 -4.91 4.00
CA ARG A 339 17.38 -5.32 3.16
C ARG A 339 16.41 -4.17 3.28
N GLY A 340 16.24 -3.40 2.21
CA GLY A 340 15.37 -2.23 2.23
C GLY A 340 13.92 -2.67 2.15
N ASP A 341 12.99 -1.74 2.16
CA ASP A 341 11.57 -2.14 2.15
C ASP A 341 11.17 -2.83 0.82
N VAL A 342 10.19 -3.75 0.90
CA VAL A 342 9.45 -4.26 -0.26
C VAL A 342 8.37 -3.29 -0.83
N LEU A 343 8.72 -2.57 -1.91
CA LEU A 343 7.75 -1.71 -2.65
C LEU A 343 6.93 -2.58 -3.53
N PRO A 344 5.82 -2.05 -4.04
CA PRO A 344 5.09 -2.76 -5.10
C PRO A 344 5.33 -2.13 -6.46
N ASN A 345 5.29 -2.95 -7.50
CA ASN A 345 5.23 -2.46 -8.86
C ASN A 345 3.74 -2.43 -9.15
N ALA A 346 3.39 -1.90 -10.31
CA ALA A 346 2.00 -1.74 -10.67
C ALA A 346 1.39 -3.06 -11.06
N ASP A 347 2.17 -3.96 -11.65
CA ASP A 347 1.58 -5.20 -12.16
C ASP A 347 1.33 -6.21 -11.06
N GLU A 348 0.97 -5.70 -9.86
CA GLU A 348 0.80 -6.52 -8.64
C GLU A 348 1.99 -7.42 -8.51
N THR A 349 3.17 -6.83 -8.47
CA THR A 349 4.36 -7.61 -8.19
C THR A 349 5.19 -6.79 -7.22
N TRP A 350 6.32 -7.34 -6.84
CA TRP A 350 7.08 -6.69 -5.81
C TRP A 350 8.40 -6.16 -6.33
N TYR A 351 9.15 -5.49 -5.47
CA TYR A 351 10.46 -4.99 -5.78
C TYR A 351 11.17 -4.74 -4.43
N LEU A 352 12.37 -5.25 -4.34
CA LEU A 352 13.12 -5.17 -3.13
C LEU A 352 14.49 -4.87 -3.57
N ARG A 353 15.18 -4.04 -2.78
CA ARG A 353 16.51 -3.65 -3.14
C ARG A 353 17.44 -3.94 -1.97
N ALA A 354 18.23 -5.00 -2.07
CA ALA A 354 19.13 -5.35 -0.99
C ALA A 354 20.48 -4.75 -1.28
N THR A 355 21.21 -4.40 -0.23
CA THR A 355 22.40 -3.58 -0.36
C THR A 355 23.48 -3.97 0.65
N LEU A 356 24.73 -4.08 0.18
CA LEU A 356 25.89 -4.50 1.01
C LEU A 356 27.15 -3.72 0.64
N ASP A 357 27.80 -3.05 1.59
CA ASP A 357 28.93 -2.20 1.20
C ASP A 357 30.29 -2.51 1.79
N VAL A 358 31.27 -2.68 0.92
CA VAL A 358 32.58 -3.11 1.36
C VAL A 358 33.68 -2.64 0.38
N ALA A 359 34.95 -2.61 0.82
CA ALA A 359 36.05 -2.00 0.05
C ALA A 359 36.31 -2.68 -1.31
N ALA A 360 36.64 -1.87 -2.32
CA ALA A 360 36.77 -2.37 -3.70
C ALA A 360 37.45 -3.76 -3.77
N GLY A 361 38.50 -3.96 -2.98
CA GLY A 361 39.15 -5.28 -2.90
C GLY A 361 38.22 -6.39 -2.41
N GLU A 362 37.39 -6.12 -1.41
CA GLU A 362 36.43 -7.13 -0.97
C GLU A 362 35.36 -7.32 -2.02
N ALA A 363 35.37 -6.46 -3.03
CA ALA A 363 34.23 -6.30 -3.95
C ALA A 363 34.07 -7.44 -4.89
N ALA A 364 35.15 -7.84 -5.53
CA ALA A 364 34.98 -8.90 -6.54
C ALA A 364 34.77 -10.22 -5.83
N GLY A 365 34.04 -11.12 -6.49
CA GLY A 365 33.72 -12.44 -5.91
C GLY A 365 32.37 -12.47 -5.19
N LEU A 366 31.74 -11.29 -5.05
CA LEU A 366 30.52 -11.20 -4.28
C LEU A 366 29.39 -11.64 -5.17
N SER A 367 28.44 -12.43 -4.64
CA SER A 367 27.21 -12.65 -5.41
C SER A 367 26.05 -11.96 -4.83
N CYS A 368 24.87 -12.34 -5.23
CA CYS A 368 23.67 -11.96 -4.52
C CYS A 368 22.65 -13.00 -4.87
N ARG A 369 22.05 -13.57 -3.82
CA ARG A 369 21.26 -14.79 -3.91
C ARG A 369 19.84 -14.46 -3.52
N VAL A 370 18.89 -15.02 -4.26
CA VAL A 370 17.49 -14.58 -4.23
C VAL A 370 16.59 -15.82 -4.06
N LYS A 371 16.22 -16.15 -2.82
CA LYS A 371 15.30 -17.29 -2.60
C LYS A 371 13.88 -16.79 -2.73
N HIS A 372 13.01 -17.64 -3.31
CA HIS A 372 11.60 -17.34 -3.69
C HIS A 372 10.83 -18.56 -4.21
N SER A 373 9.55 -18.63 -3.87
CA SER A 373 8.72 -19.81 -4.15
C SER A 373 8.56 -20.11 -5.62
N SER A 374 8.74 -19.08 -6.45
CA SER A 374 8.52 -19.14 -7.91
C SER A 374 9.60 -19.93 -8.63
N LEU A 375 10.78 -19.95 -8.02
CA LEU A 375 11.96 -20.64 -8.57
C LEU A 375 11.89 -22.11 -8.20
N GLY A 376 11.52 -22.37 -6.94
CA GLY A 376 11.33 -23.72 -6.45
C GLY A 376 12.64 -24.45 -6.43
N GLY A 377 13.48 -24.16 -5.44
CA GLY A 377 14.78 -24.84 -5.24
C GLY A 377 15.99 -24.16 -5.86
N HIS A 378 15.78 -23.53 -7.03
CA HIS A 378 16.85 -22.97 -7.86
C HIS A 378 16.99 -21.48 -7.66
N ASP A 379 17.65 -21.07 -6.59
CA ASP A 379 17.73 -19.65 -6.26
C ASP A 379 18.53 -18.94 -7.29
N LEU A 380 17.99 -17.85 -7.79
CA LEU A 380 18.68 -17.01 -8.75
C LEU A 380 19.96 -16.61 -8.05
N ILE A 381 21.11 -16.86 -8.69
CA ILE A 381 22.41 -16.27 -8.25
C ILE A 381 23.03 -15.30 -9.30
N ILE A 382 23.40 -14.13 -8.77
CA ILE A 382 23.80 -12.97 -9.51
C ILE A 382 25.13 -12.37 -9.04
N HIS A 383 26.20 -12.68 -9.75
CA HIS A 383 27.57 -12.20 -9.50
C HIS A 383 27.97 -10.74 -9.97
N TRP A 384 29.22 -10.32 -9.71
CA TRP A 384 29.57 -8.92 -9.93
C TRP A 384 30.96 -8.66 -10.61
N GLY A 385 30.95 -7.90 -11.77
CA GLY A 385 32.15 -7.25 -12.45
C GLY A 385 31.85 -5.75 -12.78
N GLY A 386 32.20 -4.83 -11.88
CA GLY A 386 31.49 -3.52 -11.88
C GLY A 386 31.60 -2.68 -13.13
N GLU A 387 30.54 -1.98 -13.56
CA GLU A 387 29.19 -1.90 -12.90
C GLU A 387 28.24 -2.94 -13.52
N ASN A 388 28.77 -4.16 -13.57
CA ASN A 388 28.31 -5.26 -14.39
C ASN A 388 28.01 -6.58 -13.60
N LEU A 389 27.27 -7.47 -14.27
CA LEU A 389 26.25 -8.25 -13.67
C LEU A 389 25.91 -9.44 -14.53
N TYR A 390 26.06 -10.68 -14.10
CA TYR A 390 25.30 -11.86 -14.69
C TYR A 390 25.04 -12.84 -13.47
N PHE A 391 24.29 -13.98 -13.47
CA PHE A 391 23.51 -14.73 -14.52
C PHE A 391 22.09 -15.11 -14.03
C1 NAG B . -14.90 23.75 2.20
C2 NAG B . -14.78 25.19 1.72
C3 NAG B . -14.92 25.14 0.17
C4 NAG B . -14.22 23.94 -0.56
C5 NAG B . -14.05 22.65 0.30
C6 NAG B . -13.02 21.63 -0.22
C7 NAG B . -15.49 27.00 3.35
C8 NAG B . -16.66 27.78 3.87
N2 NAG B . -15.75 26.06 2.41
O3 NAG B . -14.49 26.39 -0.35
O4 NAG B . -14.95 23.57 -1.71
O5 NAG B . -13.82 22.97 1.67
O6 NAG B . -11.72 22.15 -0.29
O7 NAG B . -14.37 27.28 3.81
C1 FUC B . -10.82 21.14 -0.82
C2 FUC B . -9.64 21.05 0.15
C3 FUC B . -8.40 21.82 -0.34
C4 FUC B . -7.96 21.26 -1.69
C5 FUC B . -9.17 20.73 -2.50
C6 FUC B . -8.98 20.70 -4.03
O2 FUC B . -9.32 19.69 0.43
O3 FUC B . -8.67 23.20 -0.40
O4 FUC B . -7.17 22.26 -2.33
O5 FUC B . -10.37 21.42 -2.13
C1 GOL C . 8.65 -8.26 -13.88
O1 GOL C . 9.94 -8.86 -13.90
C2 GOL C . 8.64 -6.75 -13.54
O2 GOL C . 9.72 -6.37 -12.66
C3 GOL C . 7.20 -6.36 -13.11
O3 GOL C . 7.06 -5.18 -12.32
#